data_5SAS
#
_entry.id   5SAS
#
_cell.length_a   45.300
_cell.length_b   73.060
_cell.length_c   52.640
_cell.angle_alpha   90.000
_cell.angle_beta   109.448
_cell.angle_gamma   90.000
#
_symmetry.space_group_name_H-M   'P 1 21 1'
#
loop_
_entity.id
_entity.type
_entity.pdbx_description
1 polymer Endothiapepsin
2 non-polymer 'DIMETHYL SULFOXIDE'
3 non-polymer GLYCEROL
4 non-polymer '(1R)-1-(4-chlorophenyl)ethyl carbamimidothioate'
5 non-polymer 'BROMIDE ION'
6 water water
#
_entity_poly.entity_id   1
_entity_poly.type   'polypeptide(L)'
_entity_poly.pdbx_seq_one_letter_code
;MSSPLKNALVTAMLAGGALSSPTKQHVGIPVNASPEVGPGKYSFKQVRNPNYKFNGPLSVKKTYLKYGVPIPAWLEDAVQ
NSTSGLAERSTGSATTTPIDSLDDAYITPVQIGTPAQTLNLDFDTGSSDLWVFSSETTASEVDGQTIYTPSKSTTAKLLS
GATWSISYGDGSSSSGDVYTDTVSVGGLTVTGQAVESAKKVSSSFTEDSTIDGLLGLAFSTLNTVSPTQQKTFFDNAKAS
LDSPVFTADLGYHAPGTYNFGFIDTTAYTGSITYTAVSTKQGFWEWTSTGYAVGSGTFKSTSIDGIADTGTTLLYLPATV
VSAYWAQVSGAKSSSSVGGYVFPCSATLPSFTFGVGSARIVIPGDYIDFGPISTGSSSCFGGIQSSAGIGINIFGDVALK
AAFVVFNGATTPTLGFASK
;
_entity_poly.pdbx_strand_id   A
#
loop_
_chem_comp.id
_chem_comp.type
_chem_comp.name
_chem_comp.formula
BR non-polymer 'BROMIDE ION' 'Br -1'
DMS non-polymer 'DIMETHYL SULFOXIDE' 'C2 H6 O S'
GOL non-polymer GLYCEROL 'C3 H8 O3'
ZSS non-polymer '(1R)-1-(4-chlorophenyl)ethyl carbamimidothioate' 'C9 H11 Cl N2 S'
#
# COMPACT_ATOMS: atom_id res chain seq x y z
N SER A 90 -20.22 12.31 5.24
CA SER A 90 -20.26 10.89 4.82
C SER A 90 -19.05 10.13 5.34
N THR A 91 -19.17 8.81 5.33
CA THR A 91 -18.08 7.91 5.66
C THR A 91 -18.19 6.67 4.77
N GLY A 92 -17.10 5.90 4.73
CA GLY A 92 -17.13 4.56 4.16
C GLY A 92 -16.26 3.64 5.00
N SER A 93 -16.54 2.35 4.87
CA SER A 93 -15.81 1.33 5.62
C SER A 93 -15.83 0.04 4.80
N ALA A 94 -14.65 -0.49 4.47
CA ALA A 94 -14.54 -1.67 3.63
C ALA A 94 -13.50 -2.61 4.23
N THR A 95 -13.77 -3.90 4.15
CA THR A 95 -12.81 -4.90 4.57
C THR A 95 -11.78 -5.12 3.49
N THR A 96 -10.53 -5.24 3.91
CA THR A 96 -9.41 -5.55 3.04
C THR A 96 -8.85 -6.92 3.44
N THR A 97 -8.52 -7.73 2.43
CA THR A 97 -8.23 -9.16 2.64
C THR A 97 -6.91 -9.50 1.97
N PRO A 98 -6.02 -10.24 2.66
CA PRO A 98 -4.80 -10.67 1.99
C PRO A 98 -5.10 -11.55 0.78
N ILE A 99 -4.29 -11.39 -0.27
CA ILE A 99 -4.51 -12.17 -1.48
C ILE A 99 -4.01 -13.59 -1.36
N ASP A 100 -3.17 -13.88 -0.37
CA ASP A 100 -2.54 -15.18 -0.23
C ASP A 100 -2.08 -15.36 1.20
N SER A 101 -1.47 -16.51 1.47
CA SER A 101 -1.12 -16.88 2.84
C SER A 101 0.08 -16.12 3.38
N LEU A 102 0.76 -15.32 2.55
CA LEU A 102 1.92 -14.56 2.96
C LEU A 102 1.61 -13.08 3.14
N ASP A 103 0.37 -12.65 2.89
CA ASP A 103 0.04 -11.22 2.91
C ASP A 103 0.85 -10.46 1.84
N ASP A 104 0.97 -11.04 0.66
CA ASP A 104 1.75 -10.37 -0.39
C ASP A 104 1.11 -9.05 -0.82
N ALA A 105 -0.19 -8.94 -0.68
CA ALA A 105 -0.90 -7.70 -0.95
C ALA A 105 -2.29 -7.91 -0.38
N TYR A 106 -3.08 -6.85 -0.38
CA TYR A 106 -4.43 -6.86 0.15
C TYR A 106 -5.38 -6.33 -0.90
N ILE A 107 -6.57 -6.95 -1.00
CA ILE A 107 -7.59 -6.52 -1.94
C ILE A 107 -8.83 -6.05 -1.20
N THR A 108 -9.48 -5.03 -1.76
CA THR A 108 -10.64 -4.42 -1.16
C THR A 108 -11.69 -4.31 -2.26
N PRO A 109 -12.94 -4.73 -2.02
CA PRO A 109 -13.95 -4.63 -3.06
C PRO A 109 -14.38 -3.19 -3.29
N VAL A 110 -14.57 -2.86 -4.56
CA VAL A 110 -14.92 -1.52 -5.00
C VAL A 110 -16.02 -1.65 -6.04
N GLN A 111 -17.08 -0.86 -5.88
CA GLN A 111 -18.17 -0.84 -6.83
C GLN A 111 -17.96 0.26 -7.86
N ILE A 112 -18.02 -0.11 -9.13
CA ILE A 112 -17.81 0.83 -10.23
C ILE A 112 -18.99 0.74 -11.19
N GLY A 113 -19.57 1.89 -11.53
CA GLY A 113 -20.58 1.96 -12.55
C GLY A 113 -21.99 1.68 -12.07
N THR A 114 -22.91 1.72 -13.03
CA THR A 114 -24.35 1.54 -12.78
C THR A 114 -24.89 0.61 -13.86
N PRO A 115 -25.41 -0.56 -13.51
CA PRO A 115 -25.37 -1.17 -12.17
C PRO A 115 -23.94 -1.43 -11.74
N ALA A 116 -23.75 -1.61 -10.45
CA ALA A 116 -22.41 -1.79 -9.91
C ALA A 116 -21.70 -2.99 -10.54
N GLN A 117 -20.44 -2.79 -10.85
CA GLN A 117 -19.51 -3.86 -11.18
C GLN A 117 -18.48 -3.88 -10.05
N THR A 118 -18.42 -4.97 -9.31
CA THR A 118 -17.51 -5.04 -8.16
C THR A 118 -16.19 -5.67 -8.57
N LEU A 119 -15.11 -4.91 -8.38
CA LEU A 119 -13.75 -5.33 -8.65
C LEU A 119 -12.97 -5.27 -7.35
N ASN A 120 -11.99 -6.17 -7.21
CA ASN A 120 -11.16 -6.22 -6.02
C ASN A 120 -9.86 -5.50 -6.31
N LEU A 121 -9.68 -4.35 -5.68
CA LEU A 121 -8.57 -3.47 -6.00
C LEU A 121 -7.55 -3.46 -4.87
N ASP A 122 -6.30 -3.22 -5.26
CA ASP A 122 -5.20 -3.06 -4.31
C ASP A 122 -5.09 -1.58 -3.95
N PHE A 123 -5.49 -1.24 -2.73
CA PHE A 123 -5.43 0.14 -2.26
C PHE A 123 -3.97 0.49 -1.97
N ASP A 124 -3.48 1.54 -2.62
CA ASP A 124 -2.05 1.79 -2.73
C ASP A 124 -1.76 3.23 -2.34
N THR A 125 -1.31 3.44 -1.10
CA THR A 125 -0.96 4.80 -0.68
C THR A 125 0.36 5.29 -1.27
N GLY A 126 1.00 4.49 -2.13
CA GLY A 126 2.19 4.87 -2.86
C GLY A 126 1.99 5.22 -4.33
N SER A 127 0.75 5.36 -4.78
CA SER A 127 0.48 5.81 -6.14
C SER A 127 -0.86 6.51 -6.15
N SER A 128 -1.22 7.09 -7.30
CA SER A 128 -2.35 8.00 -7.34
C SER A 128 -3.25 7.78 -8.55
N ASP A 129 -3.24 6.59 -9.11
CA ASP A 129 -4.09 6.21 -10.23
C ASP A 129 -5.04 5.12 -9.77
N LEU A 130 -6.30 5.25 -10.16
CA LEU A 130 -7.30 4.20 -10.00
C LEU A 130 -7.43 3.56 -11.37
N TRP A 131 -6.87 2.36 -11.53
CA TRP A 131 -6.90 1.69 -12.82
C TRP A 131 -7.41 0.27 -12.65
N VAL A 132 -8.07 -0.23 -13.69
CA VAL A 132 -8.73 -1.52 -13.64
C VAL A 132 -8.48 -2.32 -14.90
N PHE A 133 -8.41 -3.64 -14.73
CA PHE A 133 -8.60 -4.55 -15.85
C PHE A 133 -9.97 -4.27 -16.44
N SER A 134 -10.09 -4.38 -17.77
CA SER A 134 -11.32 -3.94 -18.41
C SER A 134 -11.58 -4.76 -19.67
N SER A 135 -12.74 -4.50 -20.26
CA SER A 135 -13.08 -5.06 -21.56
C SER A 135 -12.14 -4.58 -22.65
N GLU A 136 -11.32 -3.56 -22.38
CA GLU A 136 -10.35 -3.05 -23.34
C GLU A 136 -8.97 -3.68 -23.17
N THR A 137 -8.75 -4.43 -22.10
CA THR A 137 -7.43 -5.01 -21.87
C THR A 137 -7.15 -6.11 -22.89
N THR A 138 -5.98 -6.03 -23.54
CA THR A 138 -5.52 -7.06 -24.45
C THR A 138 -5.86 -8.44 -23.90
N ALA A 139 -6.58 -9.23 -24.70
CA ALA A 139 -7.17 -10.46 -24.18
C ALA A 139 -6.11 -11.40 -23.62
N SER A 140 -4.97 -11.51 -24.30
CA SER A 140 -3.91 -12.40 -23.84
C SER A 140 -3.29 -11.95 -22.52
N GLU A 141 -3.59 -10.75 -22.05
CA GLU A 141 -3.02 -10.23 -20.81
C GLU A 141 -4.00 -10.32 -19.66
N VAL A 142 -5.17 -10.92 -19.87
CA VAL A 142 -6.17 -11.16 -18.83
C VAL A 142 -6.19 -12.65 -18.56
N ASP A 143 -6.04 -13.03 -17.29
CA ASP A 143 -6.00 -14.44 -16.88
C ASP A 143 -6.69 -14.55 -15.52
N GLY A 144 -8.01 -14.47 -15.52
CA GLY A 144 -8.81 -14.69 -14.33
C GLY A 144 -9.28 -13.45 -13.60
N GLN A 145 -8.77 -12.28 -13.94
CA GLN A 145 -9.22 -11.07 -13.27
C GLN A 145 -10.67 -10.76 -13.65
N THR A 146 -11.36 -10.09 -12.74
CA THR A 146 -12.65 -9.50 -13.07
C THR A 146 -12.41 -8.18 -13.78
N ILE A 147 -13.16 -7.95 -14.85
CA ILE A 147 -12.96 -6.78 -15.68
C ILE A 147 -14.11 -5.80 -15.53
N TYR A 148 -13.78 -4.51 -15.69
CA TYR A 148 -14.77 -3.45 -15.82
C TYR A 148 -15.13 -3.29 -17.29
N THR A 149 -16.42 -3.30 -17.58
CA THR A 149 -16.92 -3.10 -18.93
C THR A 149 -17.68 -1.78 -18.98
N PRO A 150 -17.06 -0.69 -19.41
CA PRO A 150 -17.76 0.60 -19.33
C PRO A 150 -19.00 0.65 -20.18
N SER A 151 -19.06 -0.11 -21.29
CA SER A 151 -20.24 -0.07 -22.13
C SER A 151 -21.49 -0.59 -21.43
N LYS A 152 -21.31 -1.33 -20.33
CA LYS A 152 -22.42 -1.87 -19.57
C LYS A 152 -22.82 -0.96 -18.41
N SER A 153 -22.15 0.19 -18.24
CA SER A 153 -22.44 1.13 -17.18
C SER A 153 -23.13 2.36 -17.77
N THR A 154 -24.34 2.67 -17.27
CA THR A 154 -25.09 3.79 -17.79
C THR A 154 -24.52 5.13 -17.33
N THR A 155 -23.62 5.11 -16.36
CA THR A 155 -23.00 6.33 -15.85
C THR A 155 -21.58 6.52 -16.36
N ALA A 156 -21.04 5.58 -17.14
CA ALA A 156 -19.69 5.71 -17.67
C ALA A 156 -19.66 6.72 -18.81
N LYS A 157 -18.62 7.54 -18.83
N LYS A 157 -18.63 7.56 -18.83
CA LYS A 157 -18.38 8.50 -19.89
CA LYS A 157 -18.41 8.48 -19.93
C LYS A 157 -16.91 8.45 -20.26
C LYS A 157 -16.93 8.48 -20.27
N LEU A 158 -16.60 8.30 -21.54
CA LEU A 158 -15.21 8.38 -21.98
C LEU A 158 -14.69 9.77 -21.69
N LEU A 159 -13.51 9.85 -21.09
CA LEU A 159 -12.83 11.12 -20.87
C LEU A 159 -12.01 11.36 -22.13
N SER A 160 -12.54 12.20 -23.01
CA SER A 160 -12.03 12.28 -24.37
CA SER A 160 -12.04 12.29 -24.37
C SER A 160 -10.58 12.73 -24.41
N GLY A 161 -9.76 11.94 -25.09
CA GLY A 161 -8.37 12.26 -25.28
C GLY A 161 -7.45 11.90 -24.16
N ALA A 162 -7.97 11.43 -23.04
CA ALA A 162 -7.13 11.17 -21.87
C ALA A 162 -6.52 9.78 -21.95
N THR A 163 -5.23 9.71 -21.63
CA THR A 163 -4.52 8.45 -21.54
C THR A 163 -3.73 8.43 -20.25
N TRP A 164 -3.26 7.24 -19.90
CA TRP A 164 -2.48 7.08 -18.68
C TRP A 164 -1.45 5.99 -18.92
N SER A 165 -0.37 6.07 -18.17
CA SER A 165 0.70 5.09 -18.27
C SER A 165 1.50 5.18 -16.98
N ILE A 166 1.69 4.05 -16.34
CA ILE A 166 2.33 4.02 -15.03
C ILE A 166 3.30 2.85 -14.98
N SER A 167 4.43 3.06 -14.35
CA SER A 167 5.41 2.00 -14.16
C SER A 167 5.87 2.09 -12.72
N TYR A 168 5.58 1.04 -11.96
CA TYR A 168 5.87 1.03 -10.55
C TYR A 168 7.32 0.63 -10.31
N GLY A 169 7.97 1.32 -9.38
CA GLY A 169 9.39 1.16 -9.20
C GLY A 169 9.89 -0.28 -9.07
N ASP A 170 8.97 -1.24 -8.99
CA ASP A 170 9.32 -2.66 -8.99
C ASP A 170 9.49 -3.23 -10.38
N GLY A 171 9.12 -2.49 -11.43
CA GLY A 171 9.28 -2.94 -12.80
C GLY A 171 7.99 -3.22 -13.53
N SER A 172 6.87 -3.35 -12.83
CA SER A 172 5.61 -3.63 -13.50
C SER A 172 5.03 -2.32 -14.04
N SER A 173 4.02 -2.45 -14.89
CA SER A 173 3.48 -1.28 -15.59
C SER A 173 2.13 -1.60 -16.19
N SER A 174 1.40 -0.54 -16.53
CA SER A 174 0.11 -0.66 -17.19
C SER A 174 -0.21 0.68 -17.83
N SER A 175 -1.15 0.66 -18.78
CA SER A 175 -1.49 1.87 -19.49
C SER A 175 -2.85 1.70 -20.18
N GLY A 176 -3.48 2.82 -20.51
CA GLY A 176 -4.74 2.74 -21.23
C GLY A 176 -5.39 4.10 -21.41
N ASP A 177 -6.71 4.08 -21.46
CA ASP A 177 -7.57 5.24 -21.63
C ASP A 177 -8.42 5.43 -20.36
N VAL A 178 -9.30 6.40 -20.37
CA VAL A 178 -9.92 6.87 -19.13
C VAL A 178 -11.40 7.09 -19.33
N TYR A 179 -12.18 6.64 -18.36
CA TYR A 179 -13.60 6.93 -18.25
C TYR A 179 -13.82 7.66 -16.93
N THR A 180 -14.91 8.41 -16.83
CA THR A 180 -15.41 8.81 -15.53
C THR A 180 -16.64 7.97 -15.22
N ASP A 181 -16.80 7.61 -13.95
CA ASP A 181 -17.93 6.79 -13.55
C ASP A 181 -18.11 6.94 -12.06
N THR A 182 -19.20 6.37 -11.58
CA THR A 182 -19.49 6.36 -10.15
C THR A 182 -18.73 5.25 -9.49
N VAL A 183 -18.03 5.57 -8.40
CA VAL A 183 -17.20 4.61 -7.68
C VAL A 183 -17.57 4.66 -6.20
N SER A 184 -17.82 3.50 -5.61
CA SER A 184 -18.20 3.43 -4.20
C SER A 184 -17.26 2.47 -3.48
N VAL A 185 -16.84 2.86 -2.30
CA VAL A 185 -16.00 2.03 -1.42
C VAL A 185 -16.69 1.97 -0.08
N GLY A 186 -17.13 0.79 0.31
CA GLY A 186 -17.67 0.63 1.65
C GLY A 186 -18.80 1.57 1.98
N GLY A 187 -19.66 1.88 1.00
CA GLY A 187 -20.78 2.77 1.21
C GLY A 187 -20.53 4.23 0.91
N LEU A 188 -19.29 4.64 0.66
CA LEU A 188 -18.95 6.02 0.31
C LEU A 188 -18.88 6.12 -1.21
N THR A 189 -19.65 7.04 -1.79
CA THR A 189 -19.77 7.15 -3.24
C THR A 189 -19.18 8.45 -3.77
N VAL A 190 -18.39 8.33 -4.83
CA VAL A 190 -17.89 9.47 -5.59
C VAL A 190 -18.46 9.39 -6.99
N THR A 191 -19.12 10.45 -7.45
CA THR A 191 -19.50 10.51 -8.85
C THR A 191 -18.41 11.20 -9.65
N GLY A 192 -18.30 10.82 -10.92
CA GLY A 192 -17.31 11.45 -11.78
C GLY A 192 -15.88 11.08 -11.49
N GLN A 193 -15.65 9.97 -10.81
CA GLN A 193 -14.29 9.51 -10.57
C GLN A 193 -13.64 9.05 -11.86
N ALA A 194 -12.38 9.45 -12.05
CA ALA A 194 -11.60 8.92 -13.16
C ALA A 194 -11.28 7.46 -12.90
N VAL A 195 -11.74 6.61 -13.80
CA VAL A 195 -11.48 5.17 -13.78
C VAL A 195 -10.62 4.88 -15.00
N GLU A 196 -9.37 4.53 -14.74
CA GLU A 196 -8.39 4.34 -15.80
C GLU A 196 -8.46 2.89 -16.29
N SER A 197 -8.85 2.72 -17.54
CA SER A 197 -9.11 1.40 -18.11
C SER A 197 -7.86 0.90 -18.79
N ALA A 198 -7.34 -0.24 -18.34
CA ALA A 198 -6.11 -0.76 -18.92
C ALA A 198 -6.34 -1.32 -20.31
N LYS A 199 -5.53 -0.85 -21.24
CA LYS A 199 -5.38 -1.54 -22.52
C LYS A 199 -4.23 -2.54 -22.50
N LYS A 200 -3.19 -2.24 -21.71
CA LYS A 200 -2.01 -3.09 -21.58
C LYS A 200 -1.67 -3.19 -20.11
N VAL A 201 -1.28 -4.40 -19.68
CA VAL A 201 -0.70 -4.61 -18.37
C VAL A 201 0.53 -5.50 -18.54
N SER A 202 1.50 -5.35 -17.66
CA SER A 202 2.69 -6.19 -17.73
C SER A 202 2.40 -7.55 -17.11
N SER A 203 3.35 -8.46 -17.31
CA SER A 203 3.11 -9.86 -17.01
C SER A 203 2.82 -10.11 -15.53
N SER A 204 3.42 -9.34 -14.62
CA SER A 204 3.18 -9.58 -13.20
C SER A 204 1.73 -9.31 -12.82
N PHE A 205 1.07 -8.38 -13.51
CA PHE A 205 -0.35 -8.17 -13.28
C PHE A 205 -1.16 -9.31 -13.87
N THR A 206 -0.87 -9.69 -15.12
CA THR A 206 -1.58 -10.82 -15.72
C THR A 206 -1.49 -12.05 -14.84
N GLU A 207 -0.30 -12.29 -14.27
CA GLU A 207 -0.05 -13.51 -13.52
C GLU A 207 -0.72 -13.52 -12.16
N ASP A 208 -1.22 -12.38 -11.68
CA ASP A 208 -1.94 -12.32 -10.41
C ASP A 208 -3.43 -12.19 -10.65
N SER A 209 -4.12 -13.31 -10.62
CA SER A 209 -5.54 -13.33 -10.90
C SER A 209 -6.37 -12.69 -9.81
N THR A 210 -5.81 -12.40 -8.62
CA THR A 210 -6.58 -11.91 -7.50
C THR A 210 -6.73 -10.40 -7.46
N ILE A 211 -5.93 -9.67 -8.25
CA ILE A 211 -5.91 -8.22 -8.21
C ILE A 211 -6.49 -7.70 -9.51
N ASP A 212 -7.64 -7.02 -9.42
CA ASP A 212 -8.35 -6.52 -10.59
C ASP A 212 -7.95 -5.10 -10.97
N GLY A 213 -7.04 -4.51 -10.21
CA GLY A 213 -6.60 -3.14 -10.44
C GLY A 213 -6.09 -2.55 -9.15
N LEU A 214 -5.74 -1.28 -9.24
CA LEU A 214 -5.18 -0.53 -8.13
C LEU A 214 -6.07 0.70 -7.86
N LEU A 215 -6.13 1.10 -6.59
CA LEU A 215 -6.80 2.34 -6.19
C LEU A 215 -5.78 3.18 -5.44
N GLY A 216 -5.27 4.21 -6.11
CA GLY A 216 -4.21 5.01 -5.56
C GLY A 216 -4.70 5.99 -4.51
N LEU A 217 -3.92 6.12 -3.44
CA LEU A 217 -4.26 6.96 -2.30
C LEU A 217 -3.11 7.87 -1.88
N ALA A 218 -2.08 8.02 -2.72
CA ALA A 218 -1.09 9.08 -2.55
C ALA A 218 -1.69 10.39 -3.05
N PHE A 219 -0.87 11.42 -3.17
CA PHE A 219 -1.40 12.74 -3.52
C PHE A 219 -1.64 12.84 -5.02
N SER A 220 -2.67 13.61 -5.39
CA SER A 220 -3.11 13.62 -6.79
C SER A 220 -2.05 14.19 -7.75
N THR A 221 -1.05 14.89 -7.22
CA THR A 221 0.05 15.36 -8.05
C THR A 221 0.82 14.23 -8.73
N LEU A 222 0.71 12.99 -8.24
CA LEU A 222 1.34 11.85 -8.90
C LEU A 222 0.48 11.20 -9.96
N ASN A 223 -0.77 11.64 -10.13
CA ASN A 223 -1.65 10.94 -11.07
C ASN A 223 -1.11 11.09 -12.49
N THR A 224 -1.15 9.99 -13.25
CA THR A 224 -0.47 9.96 -14.54
C THR A 224 -1.36 10.34 -15.73
N VAL A 225 -2.64 10.63 -15.52
CA VAL A 225 -3.51 10.92 -16.66
C VAL A 225 -3.04 12.17 -17.38
N SER A 226 -3.03 12.09 -18.71
CA SER A 226 -2.61 13.17 -19.58
C SER A 226 -3.66 13.33 -20.67
N PRO A 227 -3.94 14.57 -21.10
CA PRO A 227 -3.25 15.82 -20.74
C PRO A 227 -3.79 16.51 -19.49
N THR A 228 -4.86 15.99 -18.91
CA THR A 228 -5.51 16.61 -17.76
C THR A 228 -5.40 15.65 -16.59
N GLN A 229 -4.54 15.99 -15.64
CA GLN A 229 -4.34 15.13 -14.48
CA GLN A 229 -4.35 15.15 -14.47
C GLN A 229 -5.64 15.00 -13.70
N GLN A 230 -5.84 13.82 -13.12
CA GLN A 230 -7.07 13.49 -12.42
C GLN A 230 -6.83 13.31 -10.92
N LYS A 231 -7.92 13.46 -10.17
CA LYS A 231 -7.88 13.36 -8.71
C LYS A 231 -8.10 11.93 -8.22
N THR A 232 -7.47 11.60 -7.10
CA THR A 232 -7.72 10.30 -6.48
C THR A 232 -9.13 10.23 -5.90
N PHE A 233 -9.56 9.01 -5.62
CA PHE A 233 -10.83 8.78 -4.96
C PHE A 233 -10.92 9.55 -3.65
N PHE A 234 -9.85 9.54 -2.85
CA PHE A 234 -9.87 10.25 -1.58
C PHE A 234 -9.98 11.75 -1.78
N ASP A 235 -9.22 12.27 -2.75
N ASP A 235 -9.21 12.30 -2.72
CA ASP A 235 -9.25 13.70 -3.04
CA ASP A 235 -9.31 13.73 -2.95
C ASP A 235 -10.64 14.14 -3.48
C ASP A 235 -10.72 14.11 -3.39
N ASN A 236 -11.32 13.31 -4.29
CA ASN A 236 -12.67 13.61 -4.71
C ASN A 236 -13.67 13.51 -3.55
N ALA A 237 -13.48 12.55 -2.65
CA ALA A 237 -14.42 12.34 -1.56
C ALA A 237 -14.24 13.32 -0.41
N LYS A 238 -13.07 13.94 -0.31
CA LYS A 238 -12.62 14.57 0.92
C LYS A 238 -13.62 15.58 1.47
N ALA A 239 -14.13 16.46 0.61
CA ALA A 239 -14.96 17.53 1.11
C ALA A 239 -16.29 17.03 1.63
N SER A 240 -16.71 15.83 1.23
CA SER A 240 -17.96 15.23 1.68
C SER A 240 -17.78 14.46 2.97
N LEU A 241 -16.55 14.10 3.29
CA LEU A 241 -16.30 13.24 4.45
C LEU A 241 -16.54 13.99 5.76
N ASP A 242 -16.94 13.24 6.78
CA ASP A 242 -17.11 13.85 8.10
C ASP A 242 -15.81 14.48 8.59
N SER A 243 -14.69 13.84 8.29
CA SER A 243 -13.37 14.34 8.63
CA SER A 243 -13.37 14.34 8.63
C SER A 243 -12.48 13.94 7.45
N PRO A 244 -11.50 14.79 7.09
CA PRO A 244 -10.75 14.53 5.83
C PRO A 244 -9.60 13.56 6.03
N VAL A 245 -9.97 12.30 6.33
CA VAL A 245 -9.02 11.28 6.72
C VAL A 245 -9.44 9.94 6.13
N PHE A 246 -8.45 9.06 5.99
CA PHE A 246 -8.74 7.64 5.83
C PHE A 246 -7.78 6.88 6.72
N THR A 247 -8.16 5.67 7.10
CA THR A 247 -7.32 4.88 7.98
C THR A 247 -7.10 3.49 7.37
N ALA A 248 -5.89 2.97 7.61
CA ALA A 248 -5.52 1.64 7.18
C ALA A 248 -5.30 0.79 8.42
N ASP A 249 -6.00 -0.34 8.47
CA ASP A 249 -5.88 -1.28 9.60
C ASP A 249 -5.71 -2.66 8.96
N LEU A 250 -4.49 -2.94 8.51
CA LEU A 250 -4.20 -4.18 7.79
C LEU A 250 -4.00 -5.31 8.79
N GLY A 251 -4.51 -6.50 8.45
CA GLY A 251 -4.33 -7.64 9.31
C GLY A 251 -3.10 -8.48 8.97
N TYR A 252 -2.62 -9.21 9.96
CA TYR A 252 -1.56 -10.19 9.79
C TYR A 252 -2.25 -11.53 9.52
N HIS A 253 -2.09 -12.03 8.31
CA HIS A 253 -2.71 -13.29 7.90
C HIS A 253 -4.20 -13.29 8.24
N ALA A 254 -4.86 -12.15 8.03
CA ALA A 254 -6.25 -11.99 8.41
C ALA A 254 -6.78 -10.73 7.75
N PRO A 255 -8.09 -10.61 7.61
CA PRO A 255 -8.67 -9.38 7.05
C PRO A 255 -8.48 -8.20 7.98
N GLY A 256 -8.60 -7.02 7.38
CA GLY A 256 -8.53 -5.76 8.07
C GLY A 256 -9.51 -4.79 7.46
N THR A 257 -9.27 -3.50 7.65
CA THR A 257 -10.26 -2.49 7.31
C THR A 257 -9.61 -1.23 6.78
N TYR A 258 -10.22 -0.67 5.73
CA TYR A 258 -9.99 0.72 5.31
C TYR A 258 -11.24 1.51 5.64
N ASN A 259 -11.09 2.58 6.42
CA ASN A 259 -12.18 3.50 6.74
C ASN A 259 -11.90 4.86 6.12
N PHE A 260 -12.96 5.52 5.68
CA PHE A 260 -12.90 6.85 5.10
C PHE A 260 -13.79 7.77 5.90
N GLY A 261 -13.22 8.88 6.37
CA GLY A 261 -14.01 9.94 6.97
C GLY A 261 -14.18 9.88 8.47
N PHE A 262 -13.63 8.87 9.14
CA PHE A 262 -13.75 8.77 10.58
C PHE A 262 -12.64 7.90 11.13
N ILE A 263 -12.36 8.07 12.42
N ILE A 263 -12.33 8.13 12.41
CA ILE A 263 -11.36 7.29 13.13
CA ILE A 263 -11.41 7.33 13.20
C ILE A 263 -12.08 6.41 14.14
C ILE A 263 -12.25 6.39 14.05
N ASP A 264 -12.01 5.09 13.93
CA ASP A 264 -12.68 4.11 14.77
C ASP A 264 -11.86 3.94 16.05
N THR A 265 -12.34 4.56 17.14
CA THR A 265 -11.58 4.57 18.37
C THR A 265 -11.55 3.21 19.05
N THR A 266 -12.35 2.25 18.57
CA THR A 266 -12.27 0.90 19.11
C THR A 266 -11.22 0.03 18.42
N ALA A 267 -10.55 0.55 17.38
CA ALA A 267 -9.71 -0.26 16.52
C ALA A 267 -8.24 -0.21 16.92
N TYR A 268 -7.89 0.52 17.97
CA TYR A 268 -6.50 0.64 18.37
C TYR A 268 -6.44 0.74 19.88
N THR A 269 -5.24 0.51 20.42
CA THR A 269 -4.97 0.67 21.84
C THR A 269 -4.18 1.94 22.06
N GLY A 270 -4.24 2.46 23.28
CA GLY A 270 -3.45 3.63 23.60
C GLY A 270 -3.91 4.82 22.79
N SER A 271 -2.97 5.70 22.48
N SER A 271 -2.96 5.68 22.46
CA SER A 271 -3.26 6.91 21.72
CA SER A 271 -3.22 6.92 21.73
C SER A 271 -2.62 6.84 20.34
C SER A 271 -2.59 6.86 20.35
N ILE A 272 -3.11 7.70 19.45
CA ILE A 272 -2.53 7.84 18.12
C ILE A 272 -1.49 8.94 18.20
N THR A 273 -0.27 8.65 17.74
CA THR A 273 0.79 9.66 17.69
C THR A 273 0.88 10.15 16.26
N TYR A 274 0.75 11.45 16.09
CA TYR A 274 0.81 12.07 14.77
C TYR A 274 2.19 12.63 14.50
N THR A 275 2.54 12.61 13.23
CA THR A 275 3.88 13.02 12.79
C THR A 275 3.75 13.76 11.47
N ALA A 276 4.70 14.66 11.22
CA ALA A 276 4.64 15.52 10.05
C ALA A 276 4.82 14.74 8.74
N VAL A 277 4.19 15.24 7.68
CA VAL A 277 4.29 14.67 6.35
C VAL A 277 4.83 15.75 5.40
N SER A 278 5.74 15.34 4.52
CA SER A 278 6.10 16.13 3.37
C SER A 278 5.36 15.60 2.16
N THR A 279 4.65 16.48 1.45
CA THR A 279 3.96 16.11 0.22
C THR A 279 4.76 16.46 -1.02
N LYS A 280 6.00 16.92 -0.87
CA LYS A 280 6.72 17.52 -1.98
C LYS A 280 6.96 16.53 -3.10
N GLN A 281 7.12 15.25 -2.79
CA GLN A 281 7.31 14.23 -3.80
C GLN A 281 6.02 13.50 -4.17
N GLY A 282 4.89 13.89 -3.57
CA GLY A 282 3.61 13.29 -3.86
C GLY A 282 3.23 12.11 -2.99
N PHE A 283 4.09 11.75 -2.04
CA PHE A 283 3.91 10.58 -1.20
C PHE A 283 3.57 11.00 0.22
N TRP A 284 3.08 10.02 1.01
CA TRP A 284 2.92 10.19 2.45
C TRP A 284 4.29 9.96 3.08
N GLU A 285 5.14 10.98 2.98
CA GLU A 285 6.52 10.90 3.39
C GLU A 285 6.69 11.50 4.78
N TRP A 286 7.37 10.75 5.66
CA TRP A 286 7.49 11.12 7.06
C TRP A 286 8.86 10.67 7.54
N THR A 287 9.20 11.00 8.78
CA THR A 287 10.50 10.67 9.36
C THR A 287 10.32 9.88 10.65
N SER A 288 10.67 8.61 10.62
CA SER A 288 10.70 7.82 11.83
C SER A 288 11.85 8.28 12.72
N THR A 289 11.67 8.12 14.02
CA THR A 289 12.63 8.60 15.00
C THR A 289 13.64 7.54 15.43
N GLY A 290 13.54 6.30 14.92
CA GLY A 290 14.58 5.33 15.19
C GLY A 290 14.02 3.93 15.20
N TYR A 291 14.83 3.02 15.76
CA TYR A 291 14.44 1.62 15.71
C TYR A 291 15.09 0.84 16.85
N ALA A 292 14.53 -0.34 17.10
CA ALA A 292 15.16 -1.33 17.95
C ALA A 292 14.99 -2.71 17.32
N VAL A 293 15.91 -3.61 17.64
CA VAL A 293 15.85 -4.99 17.18
C VAL A 293 15.59 -5.86 18.39
N GLY A 294 14.51 -6.62 18.34
CA GLY A 294 14.16 -7.48 19.46
C GLY A 294 14.07 -6.68 20.75
N SER A 295 14.67 -7.22 21.82
CA SER A 295 14.69 -6.56 23.12
CA SER A 295 14.68 -6.55 23.11
C SER A 295 15.85 -5.58 23.27
N GLY A 296 16.53 -5.27 22.17
CA GLY A 296 17.66 -4.36 22.21
C GLY A 296 17.27 -2.91 22.50
N THR A 297 18.29 -2.12 22.77
CA THR A 297 18.07 -0.71 23.06
C THR A 297 17.63 0.03 21.79
N PHE A 298 16.80 1.05 21.99
CA PHE A 298 16.31 1.86 20.89
C PHE A 298 17.42 2.78 20.42
N LYS A 299 17.64 2.82 19.10
CA LYS A 299 18.59 3.71 18.46
C LYS A 299 17.83 4.91 17.90
N SER A 300 18.12 6.08 18.44
CA SER A 300 17.51 7.31 17.94
C SER A 300 18.25 7.75 16.68
N THR A 301 17.53 7.77 15.56
CA THR A 301 18.10 8.18 14.30
C THR A 301 16.94 8.48 13.37
N SER A 302 17.05 9.52 12.58
CA SER A 302 15.97 9.90 11.67
C SER A 302 15.99 9.03 10.43
N ILE A 303 14.85 8.43 10.12
CA ILE A 303 14.70 7.58 8.94
C ILE A 303 13.54 8.13 8.10
N ASP A 304 13.87 8.81 7.01
CA ASP A 304 12.88 9.36 6.11
CA ASP A 304 12.87 9.36 6.13
C ASP A 304 12.32 8.25 5.24
N GLY A 305 10.99 8.16 5.15
CA GLY A 305 10.43 7.12 4.31
C GLY A 305 9.00 7.41 3.97
N ILE A 306 8.38 6.51 3.21
CA ILE A 306 6.98 6.68 2.83
C ILE A 306 6.13 5.59 3.46
N ALA A 307 4.89 5.96 3.79
CA ALA A 307 3.90 4.99 4.25
C ALA A 307 3.19 4.48 3.01
N ASP A 308 3.44 3.21 2.65
CA ASP A 308 3.04 2.64 1.35
C ASP A 308 2.32 1.31 1.49
N THR A 309 0.98 1.36 1.49
CA THR A 309 0.22 0.13 1.58
C THR A 309 0.39 -0.76 0.35
N GLY A 310 0.89 -0.22 -0.75
CA GLY A 310 1.09 -0.96 -1.98
C GLY A 310 2.41 -1.68 -2.08
N THR A 311 3.25 -1.58 -1.06
CA THR A 311 4.52 -2.30 -1.00
C THR A 311 4.39 -3.35 0.09
N THR A 312 4.84 -4.57 -0.22
CA THR A 312 4.65 -5.69 0.72
C THR A 312 5.57 -5.58 1.92
N LEU A 313 6.84 -5.25 1.70
CA LEU A 313 7.88 -5.40 2.70
C LEU A 313 8.27 -4.04 3.31
N LEU A 314 9.16 -4.12 4.27
CA LEU A 314 9.74 -2.97 4.94
C LEU A 314 11.16 -2.77 4.42
N TYR A 315 11.40 -1.65 3.74
CA TYR A 315 12.69 -1.35 3.12
C TYR A 315 13.35 -0.21 3.88
N LEU A 316 14.50 -0.48 4.48
CA LEU A 316 15.17 0.45 5.37
C LEU A 316 16.65 0.52 5.03
N PRO A 317 17.38 1.50 5.58
CA PRO A 317 18.79 1.63 5.21
C PRO A 317 19.58 0.37 5.53
N ALA A 318 20.64 0.16 4.74
CA ALA A 318 21.42 -1.06 4.87
C ALA A 318 21.98 -1.26 6.27
N THR A 319 22.37 -0.18 6.95
CA THR A 319 22.89 -0.32 8.31
C THR A 319 21.85 -0.92 9.24
N VAL A 320 20.61 -0.44 9.13
CA VAL A 320 19.52 -0.91 9.99
C VAL A 320 19.21 -2.36 9.68
N VAL A 321 19.13 -2.69 8.40
CA VAL A 321 18.76 -4.05 7.98
C VAL A 321 19.84 -5.03 8.39
N SER A 322 21.10 -4.64 8.27
CA SER A 322 22.19 -5.51 8.70
C SER A 322 22.12 -5.77 10.19
N ALA A 323 21.84 -4.73 10.97
CA ALA A 323 21.70 -4.90 12.42
C ALA A 323 20.57 -5.86 12.76
N TYR A 324 19.47 -5.81 12.02
CA TYR A 324 18.37 -6.72 12.26
C TYR A 324 18.79 -8.18 11.98
N TRP A 325 19.28 -8.45 10.77
CA TRP A 325 19.54 -9.82 10.37
C TRP A 325 20.73 -10.43 11.09
N ALA A 326 21.61 -9.59 11.64
CA ALA A 326 22.71 -10.11 12.45
C ALA A 326 22.22 -10.83 13.68
N GLN A 327 20.97 -10.60 14.08
CA GLN A 327 20.40 -11.28 15.25
C GLN A 327 19.73 -12.60 14.89
N VAL A 328 19.81 -13.04 13.64
CA VAL A 328 19.15 -14.26 13.18
C VAL A 328 20.24 -15.20 12.72
N SER A 329 20.42 -16.31 13.44
CA SER A 329 21.49 -17.24 13.09
CA SER A 329 21.49 -17.24 13.09
C SER A 329 21.28 -17.78 11.68
N GLY A 330 22.31 -17.67 10.87
CA GLY A 330 22.28 -18.18 9.52
C GLY A 330 21.68 -17.27 8.48
N ALA A 331 21.21 -16.09 8.86
CA ALA A 331 20.68 -15.18 7.87
C ALA A 331 21.82 -14.57 7.06
N LYS A 332 21.53 -14.27 5.80
CA LYS A 332 22.54 -13.69 4.92
C LYS A 332 21.82 -12.97 3.80
N SER A 333 22.51 -12.01 3.20
CA SER A 333 22.02 -11.39 1.98
C SER A 333 22.48 -12.22 0.80
N SER A 334 21.52 -12.64 -0.02
CA SER A 334 21.76 -13.48 -1.17
C SER A 334 21.58 -12.66 -2.44
N SER A 335 22.67 -12.46 -3.19
CA SER A 335 22.56 -11.76 -4.47
CA SER A 335 22.54 -11.75 -4.46
C SER A 335 21.72 -12.56 -5.46
N SER A 336 21.78 -13.89 -5.38
CA SER A 336 21.02 -14.72 -6.32
C SER A 336 19.53 -14.64 -6.04
N VAL A 337 19.13 -14.59 -4.77
CA VAL A 337 17.72 -14.48 -4.45
C VAL A 337 17.23 -13.05 -4.53
N GLY A 338 18.09 -12.08 -4.23
CA GLY A 338 17.73 -10.69 -4.27
C GLY A 338 17.40 -10.06 -2.93
N GLY A 339 17.98 -10.55 -1.86
CA GLY A 339 17.80 -9.93 -0.56
C GLY A 339 18.19 -10.89 0.54
N TYR A 340 17.85 -10.49 1.75
CA TYR A 340 18.13 -11.29 2.93
C TYR A 340 17.21 -12.49 2.99
N VAL A 341 17.82 -13.63 3.25
CA VAL A 341 17.14 -14.90 3.47
C VAL A 341 17.61 -15.44 4.81
N PHE A 342 16.84 -16.36 5.36
CA PHE A 342 17.18 -16.90 6.67
C PHE A 342 16.66 -18.31 6.76
N PRO A 343 17.19 -19.11 7.68
CA PRO A 343 16.72 -20.49 7.78
C PRO A 343 15.27 -20.52 8.24
N CYS A 344 14.46 -21.30 7.55
CA CYS A 344 13.04 -21.35 7.90
C CYS A 344 12.82 -21.88 9.31
N SER A 345 13.80 -22.56 9.89
CA SER A 345 13.73 -23.04 11.27
C SER A 345 13.96 -21.94 12.31
N ALA A 346 14.36 -20.74 11.91
CA ALA A 346 14.62 -19.68 12.87
C ALA A 346 13.33 -19.09 13.43
N THR A 347 13.42 -18.59 14.65
CA THR A 347 12.42 -17.71 15.23
C THR A 347 12.96 -16.29 15.11
N LEU A 348 12.19 -15.41 14.53
CA LEU A 348 12.71 -14.08 14.24
C LEU A 348 12.45 -13.12 15.39
N PRO A 349 13.36 -12.17 15.62
CA PRO A 349 13.12 -11.12 16.60
C PRO A 349 12.14 -10.09 16.06
N SER A 350 11.49 -9.39 16.99
CA SER A 350 10.66 -8.27 16.61
C SER A 350 11.52 -7.11 16.09
N PHE A 351 10.86 -6.14 15.50
CA PHE A 351 11.50 -4.92 15.03
C PHE A 351 10.61 -3.77 15.45
N THR A 352 11.18 -2.78 16.14
CA THR A 352 10.45 -1.61 16.61
C THR A 352 10.87 -0.41 15.79
N PHE A 353 9.88 0.40 15.38
CA PHE A 353 10.18 1.69 14.77
C PHE A 353 9.54 2.81 15.58
N GLY A 354 10.20 3.97 15.59
CA GLY A 354 9.72 5.12 16.33
C GLY A 354 8.81 6.02 15.50
N VAL A 355 7.78 6.52 16.17
CA VAL A 355 6.88 7.55 15.64
C VAL A 355 6.89 8.62 16.72
N GLY A 356 7.64 9.69 16.50
CA GLY A 356 7.83 10.65 17.58
C GLY A 356 8.39 9.90 18.78
N SER A 357 7.82 10.15 19.95
CA SER A 357 8.25 9.45 21.16
CA SER A 357 8.24 9.45 21.16
C SER A 357 7.59 8.09 21.31
N ALA A 358 6.67 7.72 20.43
CA ALA A 358 5.98 6.46 20.51
C ALA A 358 6.74 5.37 19.73
N ARG A 359 6.31 4.14 19.93
CA ARG A 359 6.99 2.97 19.38
C ARG A 359 5.95 2.01 18.83
N ILE A 360 6.19 1.51 17.63
CA ILE A 360 5.38 0.47 17.02
C ILE A 360 6.24 -0.78 16.92
N VAL A 361 5.75 -1.88 17.46
CA VAL A 361 6.49 -3.15 17.48
C VAL A 361 5.94 -4.09 16.43
N ILE A 362 6.79 -4.47 15.49
CA ILE A 362 6.46 -5.48 14.49
C ILE A 362 6.88 -6.84 15.05
N PRO A 363 5.93 -7.75 15.32
CA PRO A 363 6.34 -9.07 15.81
C PRO A 363 7.21 -9.80 14.80
N GLY A 364 8.13 -10.63 15.31
CA GLY A 364 9.00 -11.36 14.41
C GLY A 364 8.28 -12.16 13.35
N ASP A 365 7.14 -12.77 13.69
CA ASP A 365 6.47 -13.60 12.70
C ASP A 365 6.03 -12.79 11.49
N TYR A 366 5.82 -11.48 11.64
CA TYR A 366 5.39 -10.67 10.51
C TYR A 366 6.50 -10.53 9.47
N ILE A 367 7.74 -10.84 9.86
CA ILE A 367 8.92 -10.66 9.01
C ILE A 367 9.25 -11.93 8.24
N ASP A 368 8.48 -12.99 8.41
CA ASP A 368 8.73 -14.25 7.72
C ASP A 368 7.87 -14.30 6.46
N PHE A 369 8.52 -14.31 5.28
CA PHE A 369 7.80 -14.43 4.03
C PHE A 369 7.95 -15.80 3.36
N GLY A 370 8.32 -16.79 4.13
CA GLY A 370 8.19 -18.17 3.69
C GLY A 370 9.28 -18.59 2.72
N PRO A 371 9.22 -19.87 2.32
CA PRO A 371 10.29 -20.43 1.50
C PRO A 371 10.53 -19.64 0.23
N ILE A 372 11.80 -19.54 -0.16
CA ILE A 372 12.14 -18.78 -1.36
C ILE A 372 11.60 -19.47 -2.60
N SER A 373 11.43 -20.79 -2.54
CA SER A 373 10.82 -21.60 -3.58
C SER A 373 10.16 -22.76 -2.87
N THR A 374 9.14 -23.34 -3.50
CA THR A 374 8.42 -24.42 -2.87
C THR A 374 9.37 -25.53 -2.38
N GLY A 375 9.21 -25.89 -1.11
CA GLY A 375 10.00 -26.93 -0.51
C GLY A 375 11.35 -26.52 0.02
N SER A 376 11.76 -25.27 -0.19
CA SER A 376 13.06 -24.85 0.28
C SER A 376 13.01 -24.62 1.78
N SER A 377 14.16 -24.83 2.44
CA SER A 377 14.31 -24.46 3.85
C SER A 377 14.93 -23.09 4.05
N SER A 378 15.12 -22.32 2.97
CA SER A 378 15.55 -20.94 3.07
CA SER A 378 15.56 -20.94 3.04
C SER A 378 14.33 -20.07 2.87
N CYS A 379 14.14 -19.12 3.80
CA CYS A 379 12.96 -18.28 3.83
C CYS A 379 13.31 -16.84 3.51
N PHE A 380 12.38 -16.13 2.90
CA PHE A 380 12.63 -14.76 2.51
C PHE A 380 12.29 -13.78 3.63
N GLY A 381 13.18 -12.82 3.87
CA GLY A 381 12.97 -11.88 4.94
C GLY A 381 12.02 -10.73 4.57
N GLY A 382 11.29 -10.26 5.57
CA GLY A 382 10.35 -9.16 5.35
C GLY A 382 10.90 -7.76 5.58
N ILE A 383 12.14 -7.67 6.03
CA ILE A 383 12.89 -6.43 6.17
C ILE A 383 14.06 -6.54 5.20
N GLN A 384 14.14 -5.58 4.27
CA GLN A 384 15.12 -5.61 3.19
C GLN A 384 15.74 -4.22 3.06
N SER A 385 16.90 -4.17 2.42
CA SER A 385 17.58 -2.90 2.25
C SER A 385 16.89 -2.03 1.21
N SER A 386 16.80 -0.74 1.51
CA SER A 386 16.32 0.23 0.52
C SER A 386 17.42 0.78 -0.33
N ALA A 387 18.65 0.31 -0.18
N ALA A 387 18.64 0.27 -0.20
CA ALA A 387 19.73 0.86 -0.97
CA ALA A 387 19.80 0.94 -0.81
C ALA A 387 19.44 0.63 -2.44
C ALA A 387 19.62 1.17 -2.31
N GLY A 388 19.47 1.71 -3.22
N GLY A 388 18.89 0.30 -2.99
CA GLY A 388 19.15 1.63 -4.62
CA GLY A 388 18.73 0.42 -4.43
C GLY A 388 17.70 1.93 -4.95
C GLY A 388 17.41 1.06 -4.84
N ILE A 389 16.81 1.94 -3.95
N ILE A 389 16.79 1.82 -3.94
CA ILE A 389 15.46 2.44 -4.18
CA ILE A 389 15.47 2.41 -4.18
C ILE A 389 15.44 3.96 -4.18
C ILE A 389 15.55 3.94 -4.28
N GLY A 390 16.26 4.58 -3.34
CA GLY A 390 16.29 6.01 -3.22
C GLY A 390 15.42 6.57 -2.12
N ILE A 391 14.62 5.74 -1.47
CA ILE A 391 13.80 6.16 -0.34
C ILE A 391 13.53 4.91 0.50
N ASN A 392 13.30 5.12 1.78
CA ASN A 392 12.87 4.01 2.62
C ASN A 392 11.36 3.84 2.49
N ILE A 393 10.90 2.62 2.63
CA ILE A 393 9.47 2.31 2.39
C ILE A 393 8.94 1.53 3.57
N PHE A 394 8.00 2.15 4.31
CA PHE A 394 7.22 1.49 5.34
C PHE A 394 6.03 0.84 4.66
N GLY A 395 6.27 -0.36 4.13
CA GLY A 395 5.26 -1.16 3.49
C GLY A 395 4.42 -1.96 4.47
N ASP A 396 3.71 -2.95 3.93
CA ASP A 396 2.69 -3.65 4.72
C ASP A 396 3.27 -4.29 5.97
N VAL A 397 4.50 -4.81 5.90
CA VAL A 397 5.10 -5.43 7.08
C VAL A 397 5.07 -4.49 8.27
N ALA A 398 5.38 -3.21 8.04
CA ALA A 398 5.33 -2.22 9.10
C ALA A 398 3.91 -1.76 9.39
N LEU A 399 3.17 -1.43 8.33
CA LEU A 399 1.86 -0.82 8.54
C LEU A 399 0.89 -1.76 9.23
N LYS A 400 0.96 -3.06 8.95
CA LYS A 400 0.02 -4.01 9.52
CA LYS A 400 -0.02 -3.96 9.53
C LYS A 400 0.21 -4.16 11.03
N ALA A 401 1.32 -3.70 11.57
CA ALA A 401 1.54 -3.69 13.01
C ALA A 401 0.86 -2.50 13.69
N ALA A 402 0.22 -1.61 12.92
CA ALA A 402 -0.31 -0.39 13.47
C ALA A 402 -1.69 -0.11 12.91
N PHE A 403 -2.37 0.81 13.59
CA PHE A 403 -3.54 1.48 13.05
C PHE A 403 -3.01 2.80 12.54
N VAL A 404 -3.21 3.07 11.25
CA VAL A 404 -2.54 4.18 10.58
C VAL A 404 -3.57 5.16 10.06
N VAL A 405 -3.42 6.42 10.46
CA VAL A 405 -4.28 7.51 10.02
C VAL A 405 -3.58 8.31 8.94
N PHE A 406 -4.21 8.42 7.79
CA PHE A 406 -3.76 9.26 6.67
C PHE A 406 -4.63 10.50 6.76
N ASN A 407 -4.08 11.56 7.35
CA ASN A 407 -4.84 12.78 7.60
C ASN A 407 -4.61 13.74 6.44
N GLY A 408 -5.66 13.95 5.65
CA GLY A 408 -5.61 14.80 4.48
C GLY A 408 -6.16 16.19 4.70
N ALA A 409 -6.02 16.70 5.92
CA ALA A 409 -6.31 18.09 6.18
C ALA A 409 -5.36 18.99 5.37
N THR A 410 -5.64 20.29 5.45
CA THR A 410 -4.87 21.26 4.67
C THR A 410 -3.37 21.05 4.82
N THR A 411 -2.93 20.80 6.04
CA THR A 411 -1.56 20.33 6.26
C THR A 411 -1.64 18.85 6.60
N PRO A 412 -1.32 17.97 5.67
CA PRO A 412 -1.45 16.54 5.96
C PRO A 412 -0.50 16.08 7.06
N THR A 413 -0.93 15.05 7.80
CA THR A 413 -0.10 14.37 8.78
C THR A 413 -0.42 12.89 8.73
N LEU A 414 0.45 12.08 9.36
N LEU A 414 0.35 12.11 9.50
CA LEU A 414 0.21 10.66 9.54
CA LEU A 414 0.25 10.67 9.54
C LEU A 414 0.08 10.39 11.03
C LEU A 414 0.23 10.22 10.99
N GLY A 415 -0.80 9.46 11.37
CA GLY A 415 -0.95 9.00 12.75
C GLY A 415 -0.72 7.50 12.84
N PHE A 416 -0.04 7.07 13.91
CA PHE A 416 0.18 5.66 14.18
C PHE A 416 -0.24 5.32 15.61
N ALA A 417 -0.98 4.23 15.76
CA ALA A 417 -1.30 3.68 17.06
C ALA A 417 -1.00 2.19 17.04
N SER A 418 -0.66 1.66 18.20
CA SER A 418 -0.60 0.22 18.37
C SER A 418 -2.01 -0.35 18.37
N LYS A 419 -2.12 -1.66 18.18
CA LYS A 419 -3.44 -2.28 18.14
C LYS A 419 -3.44 -3.71 18.63
S DMS B . 23.82 -10.62 8.58
O DMS B . 23.73 -9.14 8.86
C1 DMS B . 24.73 -10.93 7.04
C2 DMS B . 25.05 -11.26 9.76
H11 DMS B . 24.17 -10.56 6.22
H12 DMS B . 24.88 -11.97 6.92
H13 DMS B . 25.67 -10.44 7.09
H21 DMS B . 25.05 -12.32 9.73
H22 DMS B . 24.81 -10.94 10.73
H23 DMS B . 26.01 -10.91 9.49
C1 GOL C . 1.07 -6.45 16.93
O1 GOL C . 0.88 -6.99 18.20
C2 GOL C . 1.55 -5.00 17.14
O2 GOL C . 2.64 -4.90 18.01
C3 GOL C . 0.32 -4.24 17.67
O3 GOL C . 0.62 -2.86 17.57
H11 GOL C . 0.26 -6.46 16.39
H12 GOL C . 1.73 -6.95 16.41
HO1 GOL C . 0.18 -6.61 18.52
H2 GOL C . 1.85 -4.64 16.28
HO2 GOL C . 2.83 -4.08 18.11
H31 GOL C . 0.15 -4.52 18.58
H32 GOL C . -0.46 -4.49 17.17
HO3 GOL C . 1.03 -2.76 16.85
C1 GOL D . 19.64 5.47 1.92
O1 GOL D . 20.56 4.81 2.71
C2 GOL D . 18.52 4.47 1.78
O2 GOL D . 18.97 3.29 1.20
C3 GOL D . 17.44 5.19 0.95
O3 GOL D . 17.36 4.52 -0.25
H11 GOL D . 19.31 6.29 2.31
H12 GOL D . 19.99 5.71 1.05
HO1 GOL D . 21.24 4.66 2.23
H2 GOL D . 18.15 4.22 2.64
HO2 GOL D . 18.35 2.71 1.24
H31 GOL D . 16.61 5.21 1.45
H32 GOL D . 17.68 6.13 0.85
HO3 GOL D . 17.95 3.92 -0.22
N1 ZSS E . 3.36 1.72 -4.16
C7 ZSS E . 9.43 -0.32 -4.65
C8 ZSS E . 8.19 0.20 -4.35
C1 ZSS E . 6.43 1.99 -4.56
C5 ZSS E . 9.97 1.64 -5.91
C6 ZSS E . 10.30 0.39 -5.44
C4 ZSS E . 8.72 2.16 -5.62
C3 ZSS E . 7.81 1.45 -4.83
C2 ZSS E . 3.73 1.69 -5.35
N ZSS E . 2.79 1.74 -6.29
C ZSS E . 6.38 3.48 -4.29
S ZSS E . 5.36 1.59 -5.99
CL ZSS E . 11.81 -0.32 -5.91
H6 ZSS E . 4.09 1.65 -3.47
H9 ZSS E . 9.73 -1.30 -4.26
H10 ZSS E . 7.51 -0.36 -3.72
H3 ZSS E . 6.00 1.47 -3.70
H8 ZSS E . 10.68 2.20 -6.52
H7 ZSS E . 8.46 3.14 -6.00
H4 ZSS E . 3.04 1.72 -7.28
H5 ZSS E . 1.81 1.80 -6.05
H2 ZSS E . 6.74 4.04 -5.14
H1 ZSS E . 6.99 3.74 -3.42
H ZSS E . 5.35 3.79 -4.08
N1 ZSS F . 4.57 -4.05 -4.63
C7 ZSS F . 0.86 -5.92 -7.95
C8 ZSS F . 0.99 -4.83 -7.11
C1 ZSS F . 2.27 -2.84 -6.23
C5 ZSS F . 2.86 -5.25 -9.10
C6 ZSS F . 1.81 -6.12 -8.93
C4 ZSS F . 2.97 -4.16 -8.24
C3 ZSS F . 2.04 -3.94 -7.23
C2 ZSS F . 4.77 -2.87 -5.08
N ZSS F . 5.64 -2.03 -4.50
C ZSS F . 1.30 -1.67 -6.31
S ZSS F . 3.96 -2.21 -6.48
CL ZSS F . 1.69 -7.52 -9.96
H6 ZSS F . 3.90 -4.61 -5.13
H9 ZSS F . 0.03 -6.62 -7.84
H10 ZSS F . 0.23 -4.68 -6.34
H3 ZSS F . 2.19 -3.25 -5.22
H8 ZSS F . 3.59 -5.41 -9.88
H7 ZSS F . 3.80 -3.47 -8.39
H4 ZSS F . 5.79 -1.10 -4.87
H5 ZSS F . 6.17 -2.31 -3.69
H2 ZSS F . 0.29 -2.00 -6.12
H1 ZSS F . 1.34 -1.21 -7.29
H ZSS F . 1.57 -0.92 -5.57
N1 ZSS G . 5.45 -4.73 -6.32
C7 ZSS G . 0.29 -5.47 -7.11
C8 ZSS G . 0.92 -4.31 -6.72
C1 ZSS G . 2.58 -2.46 -7.10
C5 ZSS G . 1.93 -5.77 -8.83
C6 ZSS G . 0.78 -6.17 -8.19
C4 ZSS G . 2.55 -4.60 -8.42
C3 ZSS G . 2.05 -3.84 -7.38
C2 ZSS G . 4.73 -3.90 -5.59
N ZSS G . 4.45 -4.17 -4.34
C ZSS G . 1.68 -1.53 -6.27
S ZSS G . 4.21 -2.39 -6.26
CL ZSS G . -0.13 -7.53 -8.81
H6 ZSS G . 5.83 -5.62 -5.99
H9 ZSS G . -0.59 -5.83 -6.58
H10 ZSS G . 0.53 -3.77 -5.86
H3 ZSS G . 2.77 -2.10 -8.11
H8 ZSS G . 2.34 -6.36 -9.65
H7 ZSS G . 3.47 -4.29 -8.95
H4 ZSS G . 4.75 -5.01 -3.84
H5 ZSS G . 3.90 -3.58 -3.72
H2 ZSS G . 2.27 -0.94 -5.57
H1 ZSS G . 1.13 -0.85 -6.92
H ZSS G . 0.96 -2.12 -5.70
H11 ZSS G . 5.69 -4.59 -7.30
BR BR H . 17.26 -23.53 -1.36
#